data_9B1H
#
_entry.id   9B1H
#
_cell.length_a   1.00
_cell.length_b   1.00
_cell.length_c   1.00
_cell.angle_alpha   90.00
_cell.angle_beta   90.00
_cell.angle_gamma   90.00
#
_symmetry.space_group_name_H-M   'P 1'
#
loop_
_entity.id
_entity.type
_entity.pdbx_description
1 polymer 'Solute carrier family 22 member 12'
2 non-polymer 2-acetamido-2-deoxy-beta-D-glucopyranose
3 non-polymer lesinurad
#
_entity_poly.entity_id   1
_entity_poly.type   'polypeptide(L)'
_entity_poly.pdbx_seq_one_letter_code
;FSELLDLVGGLGRFQVLQTMALMVSIMWLCTQSMLENFSAAVPSHRCWAPLLDNSTAVSTSLSPEALLAISIPPGPNQRP
HQCRRFRQPQWQLLDPNATATSWSEADTEPCVDGWVYDRSIFTSTIVAKWNLVCDSHALKPMAQSIYLAGILVGAAACGP
ASDRFGRRLVLTWSYLQMAVMGTAAAFAPAFPVYCLFRFLLAFAVAGVMMNTGTLLMEWTAARARPLVMTLNSLGFSFGH
GLTAAVAYGVRDWTLLQLVVSVPFFLCFLYSWWLPESARWLIIKGKPDQALQELRKVARINGHKEAKNLTIEVLMSSVKE
EVASAKEPRSVLDLFCVPGLRFRTCISTLCWFAFGFTFFGLALDLQALGSNIFLLQMFIGVVDIPAKMGALLLLSHLGRR
PTLAASLLLAGLCILANTLVPHEMGALRSALAVLGLGGVGAAFTCITIYSSELFPTVLRMTAVGLGQMAARGGAILGPLV
RLLGVHGPWLPLLVYGTVPVLSGLAALLLPETQSLPLPDTIQDVQNQAVKKATHGTLGNSVLKSTQF
;
_entity_poly.pdbx_strand_id   A
#
loop_
_chem_comp.id
_chem_comp.type
_chem_comp.name
_chem_comp.formula
A1AIL non-polymer lesinurad 'C17 H14 Br N3 O2 S'
NAG D-saccharide, beta linking 2-acetamido-2-deoxy-beta-D-glucopyranose 'C8 H15 N O6'
#
# COMPACT_ATOMS: atom_id res chain seq x y z
N PHE A 1 9.60 -21.52 -26.20
CA PHE A 1 10.39 -20.42 -25.65
C PHE A 1 11.43 -20.92 -24.66
N SER A 2 11.07 -21.91 -23.85
CA SER A 2 11.97 -22.39 -22.81
C SER A 2 13.24 -23.01 -23.40
N GLU A 3 13.24 -23.41 -24.67
CA GLU A 3 14.46 -23.90 -25.28
C GLU A 3 15.49 -22.78 -25.41
N LEU A 4 15.02 -21.57 -25.74
CA LEU A 4 15.92 -20.42 -25.77
C LEU A 4 16.48 -20.14 -24.38
N LEU A 5 15.64 -20.25 -23.35
CA LEU A 5 16.12 -20.06 -21.99
C LEU A 5 17.16 -21.11 -21.63
N ASP A 6 16.93 -22.37 -22.02
CA ASP A 6 17.91 -23.41 -21.74
C ASP A 6 19.22 -23.15 -22.46
N LEU A 7 19.16 -22.69 -23.72
CA LEU A 7 20.36 -22.23 -24.40
C LEU A 7 20.94 -20.98 -23.78
N VAL A 8 20.19 -20.30 -22.91
CA VAL A 8 20.63 -19.08 -22.26
C VAL A 8 20.71 -19.22 -20.74
N GLY A 9 20.04 -20.20 -20.14
CA GLY A 9 19.91 -20.29 -18.69
C GLY A 9 18.58 -19.74 -18.20
N GLY A 10 17.73 -20.61 -17.68
CA GLY A 10 16.43 -20.20 -17.19
C GLY A 10 16.46 -19.86 -15.72
N LEU A 11 17.48 -20.35 -15.03
CA LEU A 11 17.76 -19.97 -13.65
C LEU A 11 19.27 -19.96 -13.47
N GLY A 12 19.79 -18.90 -12.87
CA GLY A 12 21.22 -18.73 -12.79
C GLY A 12 21.56 -17.31 -12.41
N ARG A 13 22.81 -16.95 -12.68
CA ARG A 13 23.35 -15.68 -12.19
C ARG A 13 22.46 -14.50 -12.58
N PHE A 14 22.07 -14.42 -13.85
CA PHE A 14 21.29 -13.28 -14.30
C PHE A 14 19.96 -13.21 -13.56
N GLN A 15 19.25 -14.32 -13.47
CA GLN A 15 17.96 -14.30 -12.78
C GLN A 15 18.12 -13.97 -11.31
N VAL A 16 19.18 -14.45 -10.67
CA VAL A 16 19.44 -14.16 -9.27
C VAL A 16 19.62 -12.66 -9.07
N LEU A 17 20.51 -12.06 -9.87
CA LEU A 17 20.80 -10.64 -9.71
C LEU A 17 19.60 -9.78 -10.08
N GLN A 18 18.84 -10.19 -11.09
CA GLN A 18 17.62 -9.48 -11.46
C GLN A 18 16.61 -9.50 -10.32
N THR A 19 16.44 -10.66 -9.68
CA THR A 19 15.52 -10.78 -8.56
C THR A 19 15.94 -9.89 -7.40
N MET A 20 17.24 -9.87 -7.10
CA MET A 20 17.73 -8.99 -6.03
C MET A 20 17.47 -7.53 -6.35
N ALA A 21 17.83 -7.11 -7.58
CA ALA A 21 17.70 -5.72 -7.95
C ALA A 21 16.25 -5.26 -7.92
N LEU A 22 15.32 -6.15 -8.27
CA LEU A 22 13.91 -5.76 -8.25
C LEU A 22 13.31 -5.85 -6.86
N MET A 23 13.78 -6.80 -6.03
CA MET A 23 13.31 -6.87 -4.65
C MET A 23 13.64 -5.60 -3.89
N VAL A 24 14.86 -5.07 -4.06
CA VAL A 24 15.23 -3.86 -3.34
C VAL A 24 14.33 -2.68 -3.75
N SER A 25 14.10 -2.53 -5.05
CA SER A 25 13.24 -1.48 -5.54
C SER A 25 11.82 -1.64 -5.02
N ILE A 26 11.35 -2.88 -4.87
CA ILE A 26 10.01 -3.09 -4.33
C ILE A 26 9.95 -2.74 -2.85
N MET A 27 11.03 -2.98 -2.10
CA MET A 27 11.06 -2.55 -0.70
C MET A 27 10.90 -1.04 -0.60
N TRP A 28 11.69 -0.29 -1.38
CA TRP A 28 11.58 1.17 -1.30
C TRP A 28 10.23 1.65 -1.82
N LEU A 29 9.70 1.00 -2.85
CA LEU A 29 8.37 1.34 -3.33
C LEU A 29 7.33 1.13 -2.24
N CYS A 30 7.48 0.07 -1.44
CA CYS A 30 6.58 -0.14 -0.31
C CYS A 30 6.72 0.98 0.70
N THR A 31 7.95 1.41 0.98
CA THR A 31 8.13 2.52 1.92
C THR A 31 7.38 3.75 1.43
N GLN A 32 7.34 3.97 0.11
CA GLN A 32 6.64 5.14 -0.42
C GLN A 32 5.16 5.14 -0.05
N SER A 33 4.51 3.98 -0.13
CA SER A 33 3.07 3.92 0.14
C SER A 33 2.75 4.02 1.63
N MET A 34 3.56 3.40 2.48
CA MET A 34 3.33 3.40 3.92
C MET A 34 3.77 4.69 4.58
N LEU A 35 4.39 5.61 3.84
CA LEU A 35 5.07 6.74 4.47
C LEU A 35 4.14 7.62 5.29
N GLU A 36 2.91 7.82 4.82
CA GLU A 36 2.02 8.79 5.44
C GLU A 36 1.48 8.35 6.79
N ASN A 37 1.84 7.15 7.28
CA ASN A 37 1.63 6.87 8.69
C ASN A 37 2.50 7.76 9.55
N PHE A 38 3.66 8.16 9.03
CA PHE A 38 4.62 9.00 9.74
C PHE A 38 4.68 10.41 9.18
N SER A 39 4.73 10.55 7.85
CA SER A 39 4.76 11.87 7.25
C SER A 39 3.50 12.67 7.60
N ALA A 40 2.37 11.99 7.76
CA ALA A 40 1.09 12.63 8.05
C ALA A 40 0.56 12.23 9.42
N ALA A 41 1.44 11.94 10.36
CA ALA A 41 1.02 11.65 11.72
C ALA A 41 0.36 12.88 12.33
N VAL A 42 -0.69 12.66 13.12
CA VAL A 42 -1.42 13.73 13.77
C VAL A 42 -0.82 13.94 15.16
N PRO A 43 -0.19 15.08 15.45
CA PRO A 43 0.21 15.37 16.83
C PRO A 43 -0.98 15.80 17.66
N SER A 44 -0.86 15.62 18.97
CA SER A 44 -1.83 16.22 19.88
C SER A 44 -1.72 17.73 19.81
N HIS A 45 -2.85 18.41 19.71
CA HIS A 45 -2.86 19.82 19.35
C HIS A 45 -3.95 20.55 20.12
N ARG A 46 -3.80 21.87 20.18
CA ARG A 46 -4.73 22.74 20.89
C ARG A 46 -4.67 24.14 20.29
N CYS A 47 -5.66 24.96 20.61
CA CYS A 47 -5.66 26.34 20.13
C CYS A 47 -4.49 27.11 20.71
N TRP A 48 -4.02 28.10 19.96
CA TRP A 48 -3.09 29.08 20.51
C TRP A 48 -3.85 30.03 21.42
N ALA A 49 -3.29 30.29 22.60
CA ALA A 49 -3.91 31.18 23.58
C ALA A 49 -2.87 32.09 24.21
N PRO A 50 -3.23 33.34 24.53
CA PRO A 50 -2.22 34.27 25.05
C PRO A 50 -1.51 33.81 26.32
N LEU A 51 -2.24 33.36 27.32
CA LEU A 51 -1.61 33.03 28.60
C LEU A 51 -0.66 31.84 28.46
N LEU A 52 -1.03 30.86 27.65
CA LEU A 52 -0.19 29.69 27.48
C LEU A 52 1.00 29.97 26.58
N ASP A 53 0.83 30.82 25.57
CA ASP A 53 1.76 30.86 24.45
C ASP A 53 2.47 32.20 24.24
N ASN A 54 1.87 33.33 24.62
CA ASN A 54 2.52 34.63 24.44
C ASN A 54 3.54 34.80 25.56
N SER A 55 4.72 34.20 25.35
CA SER A 55 5.76 34.20 26.38
C SER A 55 6.35 35.58 26.63
N THR A 56 6.07 36.56 25.76
CA THR A 56 6.55 37.92 25.98
C THR A 56 5.79 38.62 27.10
N ALA A 57 4.69 38.03 27.55
CA ALA A 57 3.86 38.65 28.58
C ALA A 57 4.53 38.52 29.95
N VAL A 58 3.90 39.16 30.94
CA VAL A 58 4.43 39.15 32.30
C VAL A 58 4.35 37.75 32.88
N SER A 59 5.45 37.30 33.48
CA SER A 59 5.50 35.97 34.07
C SER A 59 4.69 35.91 35.36
N THR A 60 4.24 34.70 35.70
CA THR A 60 3.46 34.47 36.91
C THR A 60 3.87 33.15 37.53
N SER A 61 3.38 32.91 38.75
CA SER A 61 3.69 31.69 39.48
C SER A 61 2.86 30.50 39.05
N LEU A 62 1.83 30.70 38.22
CA LEU A 62 0.96 29.62 37.81
C LEU A 62 1.71 28.64 36.91
N SER A 63 1.55 27.35 37.18
CA SER A 63 2.19 26.31 36.40
C SER A 63 1.38 26.01 35.15
N PRO A 64 1.99 25.37 34.16
CA PRO A 64 1.28 25.12 32.89
C PRO A 64 -0.02 24.36 33.03
N GLU A 65 -0.15 23.47 34.03
CA GLU A 65 -1.41 22.76 34.19
C GLU A 65 -2.55 23.71 34.56
N ALA A 66 -2.28 24.62 35.50
CA ALA A 66 -3.30 25.59 35.89
C ALA A 66 -3.64 26.52 34.75
N LEU A 67 -2.64 26.96 33.99
CA LEU A 67 -2.90 27.80 32.83
C LEU A 67 -3.71 27.06 31.78
N LEU A 68 -3.46 25.77 31.59
CA LEU A 68 -4.20 24.99 30.62
C LEU A 68 -5.65 24.84 31.05
N ALA A 69 -5.89 24.60 32.33
CA ALA A 69 -7.25 24.57 32.84
C ALA A 69 -7.92 25.93 32.67
N ILE A 70 -7.18 27.01 32.90
CA ILE A 70 -7.76 28.35 32.86
C ILE A 70 -8.04 28.80 31.44
N SER A 71 -7.32 28.26 30.46
CA SER A 71 -7.36 28.78 29.10
C SER A 71 -8.19 27.95 28.14
N ILE A 72 -8.30 26.64 28.34
CA ILE A 72 -8.89 25.76 27.32
C ILE A 72 -9.89 24.80 27.96
N PRO A 73 -11.09 24.64 27.40
CA PRO A 73 -12.10 23.78 28.02
C PRO A 73 -11.78 22.31 27.82
N PRO A 74 -12.34 21.44 28.66
CA PRO A 74 -12.15 19.99 28.48
C PRO A 74 -12.90 19.48 27.26
N GLY A 75 -12.45 18.33 26.76
CA GLY A 75 -13.04 17.72 25.58
C GLY A 75 -13.55 16.31 25.81
N PRO A 76 -14.02 15.68 24.73
CA PRO A 76 -14.64 14.35 24.88
C PRO A 76 -13.73 13.31 25.52
N ASN A 77 -12.44 13.30 25.20
CA ASN A 77 -11.54 12.24 25.60
C ASN A 77 -10.98 12.41 27.00
N GLN A 78 -11.68 13.15 27.86
CA GLN A 78 -11.18 13.45 29.20
C GLN A 78 -9.86 14.19 29.11
N ARG A 79 -9.71 15.00 28.06
CA ARG A 79 -8.48 15.70 27.73
C ARG A 79 -8.85 17.06 27.17
N PRO A 80 -7.89 17.98 27.09
CA PRO A 80 -8.20 19.33 26.61
C PRO A 80 -8.82 19.32 25.22
N HIS A 81 -9.71 20.28 24.98
CA HIS A 81 -10.37 20.38 23.69
C HIS A 81 -9.37 20.78 22.61
N GLN A 82 -9.41 20.08 21.48
CA GLN A 82 -8.44 20.29 20.40
C GLN A 82 -8.85 21.37 19.41
N CYS A 83 -10.05 21.95 19.54
CA CYS A 83 -10.53 22.90 18.55
C CYS A 83 -11.26 24.09 19.15
N ARG A 84 -11.23 24.27 20.47
CA ARG A 84 -11.94 25.37 21.11
C ARG A 84 -11.08 25.96 22.21
N ARG A 85 -11.32 27.23 22.50
CA ARG A 85 -10.67 27.91 23.62
C ARG A 85 -11.67 28.86 24.25
N PHE A 86 -11.42 29.19 25.51
CA PHE A 86 -12.27 30.14 26.20
C PHE A 86 -12.10 31.53 25.61
N ARG A 87 -13.20 32.29 25.56
CA ARG A 87 -13.13 33.63 25.00
C ARG A 87 -12.29 34.54 25.89
N GLN A 88 -12.38 34.38 27.20
CA GLN A 88 -11.53 35.07 28.15
C GLN A 88 -11.07 34.08 29.21
N PRO A 89 -9.88 34.27 29.78
CA PRO A 89 -9.39 33.32 30.78
C PRO A 89 -10.39 33.09 31.90
N GLN A 90 -10.61 31.82 32.22
CA GLN A 90 -11.61 31.42 33.22
C GLN A 90 -10.93 31.18 34.56
N TRP A 91 -10.69 32.28 35.28
CA TRP A 91 -10.09 32.19 36.60
C TRP A 91 -10.96 31.39 37.56
N GLN A 92 -12.27 31.37 37.34
CA GLN A 92 -13.19 30.70 38.26
C GLN A 92 -13.01 29.19 38.29
N LEU A 93 -12.27 28.61 37.35
CA LEU A 93 -12.01 27.18 37.36
C LEU A 93 -10.87 26.78 38.29
N LEU A 94 -10.16 27.74 38.87
CA LEU A 94 -8.98 27.43 39.66
C LEU A 94 -9.32 26.97 41.07
N ASP A 95 -10.44 27.46 41.63
CA ASP A 95 -10.79 27.12 43.00
C ASP A 95 -11.19 25.65 43.10
N PRO A 96 -10.99 25.03 44.27
CA PRO A 96 -11.43 23.64 44.46
C PRO A 96 -12.94 23.47 44.44
N ASN A 97 -13.71 24.56 44.59
CA ASN A 97 -15.16 24.51 44.53
C ASN A 97 -15.69 24.40 43.11
N ALA A 98 -14.82 24.47 42.10
CA ALA A 98 -15.27 24.47 40.72
C ALA A 98 -15.93 23.16 40.33
N THR A 99 -16.74 23.22 39.27
CA THR A 99 -17.41 22.04 38.74
C THR A 99 -17.35 22.10 37.22
N ALA A 100 -17.67 20.97 36.59
CA ALA A 100 -17.58 20.87 35.13
C ALA A 100 -18.58 21.77 34.43
N THR A 101 -19.72 22.06 35.05
CA THR A 101 -20.77 22.87 34.45
C THR A 101 -20.63 24.36 34.80
N SER A 102 -19.49 24.78 35.33
CA SER A 102 -19.29 26.17 35.72
C SER A 102 -19.12 27.10 34.53
N TRP A 103 -19.05 26.58 33.31
CA TRP A 103 -18.93 27.39 32.10
C TRP A 103 -19.94 26.91 31.07
N SER A 104 -20.21 27.78 30.10
CA SER A 104 -21.19 27.50 29.04
C SER A 104 -20.53 27.61 27.67
N GLU A 105 -21.13 26.94 26.70
CA GLU A 105 -20.53 26.87 25.36
C GLU A 105 -20.42 28.24 24.71
N ALA A 106 -21.30 29.18 25.06
CA ALA A 106 -21.18 30.52 24.52
C ALA A 106 -19.89 31.21 24.95
N ASP A 107 -19.24 30.69 25.98
CA ASP A 107 -17.99 31.25 26.48
C ASP A 107 -16.77 30.79 25.70
N THR A 108 -16.95 29.97 24.67
CA THR A 108 -15.84 29.36 23.95
C THR A 108 -15.86 29.78 22.49
N GLU A 109 -14.68 29.81 21.89
CA GLU A 109 -14.50 30.21 20.50
C GLU A 109 -13.53 29.25 19.84
N PRO A 110 -13.54 29.18 18.51
CA PRO A 110 -12.57 28.34 17.80
C PRO A 110 -11.16 28.94 17.83
N CYS A 111 -10.21 28.19 17.27
CA CYS A 111 -8.82 28.62 17.26
C CYS A 111 -8.61 29.75 16.25
N VAL A 112 -8.93 30.99 16.64
CA VAL A 112 -8.75 32.12 15.73
C VAL A 112 -7.26 32.32 15.43
N ASP A 113 -6.40 32.11 16.42
CA ASP A 113 -4.97 32.36 16.28
C ASP A 113 -4.18 31.13 15.87
N GLY A 114 -4.86 30.03 15.53
CA GLY A 114 -4.17 28.83 15.09
C GLY A 114 -3.97 27.84 16.21
N TRP A 115 -3.20 26.79 15.87
CA TRP A 115 -3.00 25.64 16.75
C TRP A 115 -1.57 25.56 17.24
N VAL A 116 -1.40 24.80 18.32
CA VAL A 116 -0.10 24.45 18.88
C VAL A 116 0.01 22.94 18.86
N TYR A 117 1.11 22.43 18.31
CA TYR A 117 1.27 21.01 18.07
C TYR A 117 2.37 20.42 18.93
N ASP A 118 2.21 19.15 19.29
CA ASP A 118 3.21 18.42 20.05
C ASP A 118 4.39 18.07 19.16
N ARG A 119 5.60 18.43 19.59
CA ARG A 119 6.82 18.18 18.83
C ARG A 119 7.67 17.06 19.42
N SER A 120 7.16 16.32 20.40
CA SER A 120 8.00 15.35 21.09
C SER A 120 8.34 14.16 20.19
N ILE A 121 7.35 13.61 19.49
CA ILE A 121 7.57 12.45 18.65
C ILE A 121 8.08 12.84 17.27
N PHE A 122 7.44 13.82 16.64
CA PHE A 122 7.75 14.23 15.28
C PHE A 122 8.10 15.70 15.23
N THR A 123 9.17 16.04 14.51
CA THR A 123 9.53 17.43 14.31
C THR A 123 8.47 18.17 13.50
N SER A 124 7.99 17.55 12.42
CA SER A 124 6.93 18.16 11.63
C SER A 124 6.21 17.08 10.84
N THR A 125 4.98 17.40 10.45
CA THR A 125 4.14 16.55 9.63
C THR A 125 3.26 17.45 8.77
N ILE A 126 2.70 16.87 7.71
CA ILE A 126 1.86 17.68 6.82
C ILE A 126 0.63 18.18 7.56
N VAL A 127 0.13 17.40 8.52
CA VAL A 127 -1.02 17.82 9.31
C VAL A 127 -0.69 19.09 10.07
N ALA A 128 0.48 19.13 10.70
CA ALA A 128 0.89 20.32 11.44
C ALA A 128 1.25 21.47 10.50
N LYS A 129 1.77 21.17 9.32
CA LYS A 129 2.14 22.22 8.39
C LYS A 129 0.91 22.94 7.87
N TRP A 130 -0.07 22.20 7.37
CA TRP A 130 -1.23 22.78 6.71
C TRP A 130 -2.49 22.74 7.56
N ASN A 131 -2.36 22.41 8.84
CA ASN A 131 -3.49 22.46 9.77
C ASN A 131 -4.64 21.60 9.28
N LEU A 132 -4.34 20.35 8.96
CA LEU A 132 -5.37 19.42 8.52
C LEU A 132 -6.10 18.87 9.73
N VAL A 133 -6.67 19.76 10.54
CA VAL A 133 -7.28 19.41 11.81
C VAL A 133 -8.63 20.13 11.94
N CYS A 134 -9.46 19.60 12.84
CA CYS A 134 -10.75 20.20 13.18
C CYS A 134 -11.60 20.28 11.93
N ASP A 135 -12.02 21.46 11.46
CA ASP A 135 -12.90 21.54 10.31
C ASP A 135 -12.26 20.95 9.05
N SER A 136 -10.94 20.87 9.00
CA SER A 136 -10.22 20.31 7.86
C SER A 136 -9.76 18.88 8.08
N HIS A 137 -10.40 18.16 9.02
CA HIS A 137 -9.95 16.82 9.36
C HIS A 137 -9.99 15.88 8.16
N ALA A 138 -10.92 16.09 7.24
CA ALA A 138 -11.12 15.16 6.14
C ALA A 138 -9.97 15.16 5.13
N LEU A 139 -9.06 16.13 5.22
CA LEU A 139 -8.09 16.33 4.15
C LEU A 139 -6.99 15.28 4.16
N LYS A 140 -6.69 14.66 5.30
CA LYS A 140 -5.70 13.59 5.32
C LYS A 140 -6.18 12.35 4.57
N PRO A 141 -7.32 11.75 4.92
CA PRO A 141 -7.80 10.62 4.13
C PRO A 141 -8.09 10.98 2.69
N MET A 142 -8.43 12.24 2.41
CA MET A 142 -8.58 12.68 1.02
C MET A 142 -7.25 12.56 0.29
N ALA A 143 -6.15 12.98 0.91
CA ALA A 143 -4.84 12.84 0.28
C ALA A 143 -4.50 11.37 0.04
N GLN A 144 -4.79 10.52 1.02
CA GLN A 144 -4.49 9.10 0.83
C GLN A 144 -5.33 8.50 -0.30
N SER A 145 -6.61 8.89 -0.38
CA SER A 145 -7.48 8.44 -1.46
C SER A 145 -6.97 8.94 -2.81
N ILE A 146 -6.43 10.16 -2.85
CA ILE A 146 -5.90 10.70 -4.09
C ILE A 146 -4.68 9.90 -4.53
N TYR A 147 -3.83 9.51 -3.58
CA TYR A 147 -2.69 8.65 -3.91
C TYR A 147 -3.17 7.32 -4.50
N LEU A 148 -4.15 6.68 -3.85
CA LEU A 148 -4.61 5.38 -4.33
C LEU A 148 -5.37 5.50 -5.65
N ALA A 149 -6.09 6.60 -5.86
CA ALA A 149 -6.69 6.86 -7.16
C ALA A 149 -5.64 7.08 -8.23
N GLY A 150 -4.52 7.70 -7.86
CA GLY A 150 -3.40 7.76 -8.77
C GLY A 150 -2.90 6.39 -9.15
N ILE A 151 -2.87 5.46 -8.19
CA ILE A 151 -2.47 4.09 -8.51
C ILE A 151 -3.46 3.47 -9.48
N LEU A 152 -4.76 3.66 -9.24
CA LEU A 152 -5.77 3.09 -10.14
C LEU A 152 -5.59 3.61 -11.55
N VAL A 153 -5.49 4.93 -11.71
CA VAL A 153 -5.33 5.53 -13.03
C VAL A 153 -4.02 5.09 -13.68
N GLY A 154 -2.95 5.01 -12.89
CA GLY A 154 -1.67 4.62 -13.44
C GLY A 154 -1.66 3.18 -13.93
N ALA A 155 -2.34 2.29 -13.20
CA ALA A 155 -2.46 0.91 -13.66
C ALA A 155 -3.31 0.84 -14.91
N ALA A 156 -4.35 1.68 -15.01
CA ALA A 156 -5.11 1.74 -16.25
C ALA A 156 -4.24 2.17 -17.42
N ALA A 157 -3.39 3.18 -17.22
CA ALA A 157 -2.57 3.71 -18.31
C ALA A 157 -1.39 2.81 -18.64
N CYS A 158 -0.92 2.02 -17.67
CA CYS A 158 0.31 1.25 -17.85
C CYS A 158 0.18 0.20 -18.95
N GLY A 159 -0.89 -0.57 -18.92
CA GLY A 159 -1.02 -1.74 -19.77
C GLY A 159 -0.81 -1.42 -21.24
N PRO A 160 -1.62 -0.51 -21.79
CA PRO A 160 -1.42 -0.10 -23.19
C PRO A 160 -0.02 0.41 -23.46
N ALA A 161 0.54 1.23 -22.57
CA ALA A 161 1.87 1.78 -22.78
C ALA A 161 2.93 0.69 -22.67
N SER A 162 2.77 -0.21 -21.70
CA SER A 162 3.71 -1.32 -21.58
C SER A 162 3.72 -2.18 -22.84
N ASP A 163 2.54 -2.47 -23.39
CA ASP A 163 2.48 -3.27 -24.60
C ASP A 163 3.03 -2.53 -25.81
N ARG A 164 2.82 -1.20 -25.87
CA ARG A 164 3.25 -0.45 -27.04
C ARG A 164 4.75 -0.18 -27.03
N PHE A 165 5.34 0.02 -25.84
CA PHE A 165 6.73 0.45 -25.74
C PHE A 165 7.66 -0.57 -25.13
N GLY A 166 7.15 -1.55 -24.41
CA GLY A 166 7.99 -2.56 -23.79
C GLY A 166 8.03 -2.43 -22.29
N ARG A 167 8.28 -3.56 -21.62
CA ARG A 167 8.25 -3.60 -20.16
C ARG A 167 9.36 -2.74 -19.57
N ARG A 168 10.58 -2.89 -20.09
CA ARG A 168 11.74 -2.27 -19.43
C ARG A 168 11.75 -0.76 -19.63
N LEU A 169 11.34 -0.29 -20.82
CA LEU A 169 11.34 1.15 -21.08
C LEU A 169 10.36 1.87 -20.15
N VAL A 170 9.15 1.34 -20.04
CA VAL A 170 8.16 1.92 -19.16
C VAL A 170 8.58 1.81 -17.71
N LEU A 171 9.23 0.71 -17.34
CA LEU A 171 9.74 0.57 -15.98
C LEU A 171 10.80 1.62 -15.67
N THR A 172 11.71 1.85 -16.62
CA THR A 172 12.76 2.85 -16.46
C THR A 172 12.16 4.23 -16.22
N TRP A 173 11.25 4.65 -17.09
CA TRP A 173 10.70 5.99 -16.94
C TRP A 173 9.74 6.08 -15.75
N SER A 174 9.15 4.96 -15.33
CA SER A 174 8.40 4.95 -14.07
C SER A 174 9.32 5.20 -12.88
N TYR A 175 10.50 4.58 -12.90
CA TYR A 175 11.49 4.86 -11.85
C TYR A 175 11.85 6.33 -11.83
N LEU A 176 12.12 6.91 -13.00
CA LEU A 176 12.49 8.32 -13.04
C LEU A 176 11.35 9.19 -12.51
N GLN A 177 10.12 8.88 -12.91
CA GLN A 177 8.98 9.66 -12.46
C GLN A 177 8.80 9.56 -10.96
N MET A 178 9.00 8.36 -10.40
CA MET A 178 8.89 8.20 -8.96
C MET A 178 9.92 9.06 -8.25
N ALA A 179 11.16 9.06 -8.74
CA ALA A 179 12.19 9.88 -8.10
C ALA A 179 11.81 11.36 -8.15
N VAL A 180 11.43 11.86 -9.34
CA VAL A 180 11.14 13.28 -9.49
C VAL A 180 9.95 13.69 -8.63
N MET A 181 8.87 12.91 -8.70
CA MET A 181 7.64 13.29 -8.01
C MET A 181 7.74 13.13 -6.51
N GLY A 182 8.49 12.13 -6.03
CA GLY A 182 8.75 12.05 -4.60
C GLY A 182 9.57 13.22 -4.11
N THR A 183 10.58 13.63 -4.89
CA THR A 183 11.35 14.80 -4.51
C THR A 183 10.49 16.06 -4.53
N ALA A 184 9.61 16.17 -5.53
CA ALA A 184 8.81 17.39 -5.68
C ALA A 184 7.83 17.55 -4.53
N ALA A 185 7.20 16.46 -4.09
CA ALA A 185 6.25 16.54 -2.99
C ALA A 185 6.92 16.99 -1.70
N ALA A 186 8.17 16.55 -1.48
CA ALA A 186 8.87 16.87 -0.24
C ALA A 186 9.04 18.37 -0.06
N PHE A 187 9.02 19.14 -1.15
CA PHE A 187 9.21 20.59 -1.10
C PHE A 187 7.95 21.34 -1.51
N ALA A 188 6.79 20.71 -1.46
CA ALA A 188 5.58 21.34 -1.96
C ALA A 188 5.26 22.59 -1.15
N PRO A 189 4.80 23.67 -1.79
CA PRO A 189 4.45 24.89 -1.03
C PRO A 189 3.06 24.87 -0.43
N ALA A 190 2.13 24.08 -0.97
CA ALA A 190 0.75 24.11 -0.53
C ALA A 190 0.17 22.71 -0.58
N PHE A 191 -0.97 22.55 0.09
CA PHE A 191 -1.59 21.23 0.15
C PHE A 191 -2.06 20.73 -1.21
N PRO A 192 -2.75 21.51 -2.04
CA PRO A 192 -3.15 20.98 -3.35
C PRO A 192 -1.97 20.54 -4.20
N VAL A 193 -0.85 21.25 -4.11
CA VAL A 193 0.34 20.87 -4.88
C VAL A 193 0.90 19.56 -4.37
N TYR A 194 0.93 19.38 -3.05
CA TYR A 194 1.36 18.11 -2.47
C TYR A 194 0.48 16.98 -2.95
N CYS A 195 -0.83 17.20 -2.99
CA CYS A 195 -1.75 16.18 -3.49
C CYS A 195 -1.49 15.87 -4.96
N LEU A 196 -1.24 16.90 -5.77
CA LEU A 196 -0.94 16.69 -7.18
C LEU A 196 0.29 15.80 -7.35
N PHE A 197 1.35 16.11 -6.60
CA PHE A 197 2.59 15.37 -6.77
C PHE A 197 2.50 13.97 -6.19
N ARG A 198 1.71 13.77 -5.13
CA ARG A 198 1.48 12.41 -4.66
C ARG A 198 0.68 11.59 -5.66
N PHE A 199 -0.30 12.21 -6.32
CA PHE A 199 -1.03 11.52 -7.38
C PHE A 199 -0.09 11.09 -8.50
N LEU A 200 0.79 11.99 -8.92
CA LEU A 200 1.70 11.67 -10.02
C LEU A 200 2.78 10.68 -9.59
N LEU A 201 3.08 10.61 -8.29
CA LEU A 201 3.98 9.58 -7.78
C LEU A 201 3.32 8.20 -7.82
N ALA A 202 2.05 8.13 -7.40
CA ALA A 202 1.33 6.86 -7.49
C ALA A 202 1.18 6.41 -8.94
N PHE A 203 1.01 7.37 -9.85
CA PHE A 203 0.91 7.04 -11.26
C PHE A 203 2.10 6.21 -11.74
N ALA A 204 3.30 6.50 -11.22
CA ALA A 204 4.48 5.75 -11.58
C ALA A 204 4.67 4.51 -10.71
N VAL A 205 4.20 4.56 -9.46
CA VAL A 205 4.24 3.36 -8.61
C VAL A 205 3.52 2.22 -9.30
N ALA A 206 2.38 2.52 -9.94
CA ALA A 206 1.62 1.48 -10.62
C ALA A 206 2.45 0.81 -11.71
N GLY A 207 3.13 1.61 -12.53
CA GLY A 207 3.93 1.04 -13.60
C GLY A 207 5.10 0.23 -13.10
N VAL A 208 5.76 0.69 -12.03
CA VAL A 208 6.84 -0.09 -11.45
C VAL A 208 6.31 -1.44 -10.97
N MET A 209 5.19 -1.42 -10.24
CA MET A 209 4.64 -2.65 -9.70
C MET A 209 4.31 -3.64 -10.81
N MET A 210 3.66 -3.17 -11.88
CA MET A 210 3.25 -4.09 -12.93
C MET A 210 4.46 -4.60 -13.72
N ASN A 211 5.33 -3.70 -14.17
CA ASN A 211 6.41 -4.10 -15.06
C ASN A 211 7.50 -4.89 -14.35
N THR A 212 7.69 -4.70 -13.04
CA THR A 212 8.64 -5.54 -12.31
C THR A 212 8.23 -7.00 -12.38
N GLY A 213 6.98 -7.29 -11.99
CA GLY A 213 6.51 -8.65 -12.02
C GLY A 213 6.48 -9.22 -13.43
N THR A 214 6.07 -8.42 -14.41
CA THR A 214 6.03 -8.92 -15.77
C THR A 214 7.43 -9.24 -16.29
N LEU A 215 8.41 -8.37 -16.01
CA LEU A 215 9.76 -8.56 -16.51
C LEU A 215 10.47 -9.71 -15.80
N LEU A 216 10.07 -10.03 -14.56
CA LEU A 216 10.61 -11.22 -13.90
C LEU A 216 10.12 -12.48 -14.58
N MET A 217 8.80 -12.59 -14.78
CA MET A 217 8.23 -13.83 -15.29
C MET A 217 8.70 -14.14 -16.70
N GLU A 218 8.81 -13.12 -17.54
CA GLU A 218 9.17 -13.33 -18.94
C GLU A 218 10.63 -13.73 -19.13
N TRP A 219 11.46 -13.67 -18.10
CA TRP A 219 12.84 -14.11 -18.16
C TRP A 219 13.12 -15.33 -17.29
N THR A 220 12.11 -15.89 -16.64
CA THR A 220 12.29 -16.98 -15.70
C THR A 220 11.64 -18.24 -16.23
N ALA A 221 12.33 -19.37 -16.10
CA ALA A 221 11.79 -20.66 -16.48
C ALA A 221 10.58 -20.99 -15.61
N ALA A 222 9.63 -21.73 -16.20
CA ALA A 222 8.40 -22.04 -15.49
C ALA A 222 8.66 -22.76 -14.17
N ARG A 223 9.75 -23.51 -14.09
CA ARG A 223 10.04 -24.26 -12.87
C ARG A 223 10.26 -23.33 -11.68
N ALA A 224 10.98 -22.23 -11.89
CA ALA A 224 11.31 -21.29 -10.83
C ALA A 224 10.32 -20.14 -10.70
N ARG A 225 9.39 -19.99 -11.64
CA ARG A 225 8.53 -18.81 -11.66
C ARG A 225 7.75 -18.61 -10.37
N PRO A 226 7.12 -19.62 -9.78
CA PRO A 226 6.34 -19.37 -8.55
C PRO A 226 7.19 -18.87 -7.39
N LEU A 227 8.39 -19.44 -7.22
CA LEU A 227 9.28 -18.98 -6.16
C LEU A 227 9.70 -17.53 -6.39
N VAL A 228 9.97 -17.17 -7.65
CA VAL A 228 10.36 -15.81 -7.97
C VAL A 228 9.24 -14.84 -7.62
N MET A 229 8.01 -15.17 -7.99
CA MET A 229 6.91 -14.28 -7.64
C MET A 229 6.71 -14.20 -6.13
N THR A 230 6.95 -15.31 -5.42
CA THR A 230 6.84 -15.28 -3.96
C THR A 230 7.85 -14.33 -3.34
N LEU A 231 9.09 -14.36 -3.83
CA LEU A 231 10.10 -13.43 -3.34
C LEU A 231 9.73 -11.99 -3.66
N ASN A 232 9.19 -11.76 -4.86
CA ASN A 232 8.70 -10.44 -5.21
C ASN A 232 7.66 -9.97 -4.20
N SER A 233 6.78 -10.87 -3.77
CA SER A 233 5.77 -10.52 -2.77
C SER A 233 6.36 -10.28 -1.39
N LEU A 234 7.45 -10.97 -1.05
CA LEU A 234 8.11 -10.77 0.25
C LEU A 234 8.88 -9.45 0.31
N GLY A 235 9.19 -8.88 -0.86
CA GLY A 235 9.82 -7.56 -0.86
C GLY A 235 9.03 -6.52 -0.09
N PHE A 236 7.70 -6.54 -0.24
CA PHE A 236 6.85 -5.59 0.48
C PHE A 236 6.86 -5.86 1.98
N SER A 237 6.88 -7.14 2.37
CA SER A 237 6.94 -7.48 3.77
C SER A 237 8.17 -6.86 4.41
N PHE A 238 9.30 -6.93 3.71
CA PHE A 238 10.49 -6.24 4.23
C PHE A 238 10.39 -4.72 4.08
N GLY A 239 9.62 -4.23 3.12
CA GLY A 239 9.43 -2.80 3.00
C GLY A 239 8.75 -2.20 4.21
N HIS A 240 7.86 -2.95 4.85
CA HIS A 240 7.21 -2.45 6.07
C HIS A 240 8.24 -2.19 7.18
N GLY A 241 9.09 -3.17 7.46
CA GLY A 241 10.12 -2.98 8.45
C GLY A 241 11.08 -1.87 8.07
N LEU A 242 11.41 -1.76 6.78
CA LEU A 242 12.26 -0.67 6.32
C LEU A 242 11.60 0.68 6.60
N THR A 243 10.29 0.78 6.39
CA THR A 243 9.59 2.03 6.70
C THR A 243 9.73 2.36 8.17
N ALA A 244 9.50 1.36 9.04
CA ALA A 244 9.64 1.63 10.47
C ALA A 244 11.04 2.09 10.83
N ALA A 245 12.06 1.43 10.26
CA ALA A 245 13.45 1.75 10.60
C ALA A 245 13.84 3.14 10.12
N VAL A 246 13.49 3.48 8.88
CA VAL A 246 13.84 4.79 8.34
C VAL A 246 13.09 5.89 9.07
N ALA A 247 11.79 5.70 9.31
CA ALA A 247 11.00 6.72 9.98
C ALA A 247 11.40 6.90 11.43
N TYR A 248 12.01 5.89 12.05
CA TYR A 248 12.52 6.07 13.41
C TYR A 248 13.65 7.09 13.45
N GLY A 249 14.49 7.12 12.42
CA GLY A 249 15.63 8.01 12.39
C GLY A 249 15.29 9.41 11.90
N VAL A 250 14.42 9.50 10.90
CA VAL A 250 14.04 10.77 10.30
C VAL A 250 12.65 11.12 10.82
N ARG A 251 12.58 12.12 11.69
CA ARG A 251 11.32 12.58 12.27
C ARG A 251 10.74 13.81 11.56
N ASP A 252 11.32 14.21 10.44
CA ASP A 252 10.87 15.38 9.68
C ASP A 252 10.29 14.91 8.35
N TRP A 253 9.08 15.38 8.04
CA TRP A 253 8.36 14.84 6.89
C TRP A 253 9.05 15.18 5.58
N THR A 254 9.59 16.38 5.45
CA THR A 254 10.32 16.74 4.23
C THR A 254 11.51 15.81 4.03
N LEU A 255 12.35 15.68 5.05
CA LEU A 255 13.53 14.83 4.95
C LEU A 255 13.14 13.37 4.74
N LEU A 256 12.07 12.91 5.40
CA LEU A 256 11.64 11.53 5.24
C LEU A 256 11.22 11.25 3.80
N GLN A 257 10.38 12.11 3.23
CA GLN A 257 9.95 11.93 1.86
C GLN A 257 11.12 12.01 0.90
N LEU A 258 12.03 12.96 1.13
CA LEU A 258 13.19 13.10 0.26
C LEU A 258 14.08 11.87 0.35
N VAL A 259 14.33 11.37 1.56
CA VAL A 259 15.19 10.22 1.75
C VAL A 259 14.62 9.00 1.06
N VAL A 260 13.30 8.77 1.17
CA VAL A 260 12.72 7.60 0.50
C VAL A 260 12.55 7.81 -0.99
N SER A 261 12.65 9.05 -1.49
CA SER A 261 12.60 9.29 -2.94
C SER A 261 13.95 9.11 -3.62
N VAL A 262 15.05 9.45 -2.95
CA VAL A 262 16.36 9.44 -3.61
C VAL A 262 16.70 8.08 -4.20
N PRO A 263 16.48 6.95 -3.51
CA PRO A 263 16.90 5.66 -4.07
C PRO A 263 16.48 5.44 -5.51
N PHE A 264 15.38 6.04 -5.96
CA PHE A 264 14.87 5.77 -7.29
C PHE A 264 15.66 6.48 -8.39
N PHE A 265 16.53 7.42 -8.04
CA PHE A 265 17.53 7.86 -9.01
C PHE A 265 18.54 6.76 -9.29
N LEU A 266 18.84 5.93 -8.29
CA LEU A 266 19.73 4.79 -8.49
C LEU A 266 19.02 3.66 -9.22
N CYS A 267 17.76 3.37 -8.88
CA CYS A 267 17.00 2.37 -9.63
C CYS A 267 16.87 2.77 -11.09
N PHE A 268 16.67 4.06 -11.36
CA PHE A 268 16.61 4.54 -12.74
C PHE A 268 17.90 4.22 -13.48
N LEU A 269 19.05 4.40 -12.81
CA LEU A 269 20.33 4.23 -13.49
C LEU A 269 20.63 2.77 -13.79
N TYR A 270 20.38 1.87 -12.84
CA TYR A 270 20.68 0.47 -13.10
C TYR A 270 19.56 -0.25 -13.82
N SER A 271 18.44 0.42 -14.11
CA SER A 271 17.43 -0.16 -14.97
C SER A 271 17.87 -0.22 -16.43
N TRP A 272 18.86 0.58 -16.81
CA TRP A 272 19.36 0.58 -18.18
C TRP A 272 20.22 -0.63 -18.49
N TRP A 273 20.83 -1.25 -17.48
CA TRP A 273 21.65 -2.42 -17.68
C TRP A 273 20.83 -3.70 -17.74
N LEU A 274 19.51 -3.61 -17.57
CA LEU A 274 18.64 -4.76 -17.70
C LEU A 274 18.31 -5.02 -19.16
N PRO A 275 18.05 -6.27 -19.53
CA PRO A 275 17.60 -6.56 -20.89
C PRO A 275 16.09 -6.48 -21.03
N GLU A 276 15.66 -6.02 -22.20
CA GLU A 276 14.26 -6.11 -22.56
C GLU A 276 13.88 -7.58 -22.80
N SER A 277 12.60 -7.88 -22.64
CA SER A 277 12.14 -9.25 -22.79
C SER A 277 12.27 -9.70 -24.25
N ALA A 278 12.86 -10.87 -24.44
CA ALA A 278 12.98 -11.42 -25.79
C ALA A 278 11.65 -11.87 -26.35
N ARG A 279 10.73 -12.31 -25.49
CA ARG A 279 9.39 -12.67 -25.94
C ARG A 279 8.72 -11.47 -26.61
N TRP A 280 8.70 -10.33 -25.92
CA TRP A 280 8.08 -9.13 -26.47
C TRP A 280 8.78 -8.71 -27.75
N LEU A 281 10.11 -8.79 -27.79
CA LEU A 281 10.86 -8.34 -28.96
C LEU A 281 10.56 -9.20 -30.17
N ILE A 282 10.53 -10.53 -30.00
CA ILE A 282 10.22 -11.40 -31.13
C ILE A 282 8.77 -11.22 -31.56
N ILE A 283 7.86 -11.09 -30.59
CA ILE A 283 6.44 -10.90 -30.92
C ILE A 283 6.25 -9.65 -31.75
N LYS A 284 6.98 -8.58 -31.43
CA LYS A 284 6.92 -7.35 -32.20
C LYS A 284 7.68 -7.43 -33.52
N GLY A 285 8.20 -8.60 -33.86
CA GLY A 285 8.97 -8.72 -35.09
C GLY A 285 10.34 -8.08 -35.04
N LYS A 286 11.01 -8.15 -33.89
CA LYS A 286 12.33 -7.55 -33.73
C LYS A 286 13.37 -8.60 -33.34
N PRO A 287 13.50 -9.69 -34.10
CA PRO A 287 14.46 -10.73 -33.71
C PRO A 287 15.90 -10.23 -33.65
N ASP A 288 16.25 -9.22 -34.45
CA ASP A 288 17.62 -8.73 -34.48
C ASP A 288 18.03 -8.17 -33.12
N GLN A 289 17.07 -7.67 -32.34
CA GLN A 289 17.35 -7.13 -31.01
C GLN A 289 17.12 -8.16 -29.92
N ALA A 290 16.12 -9.03 -30.09
CA ALA A 290 15.92 -10.11 -29.16
C ALA A 290 17.15 -11.00 -29.07
N LEU A 291 17.82 -11.22 -30.20
CA LEU A 291 19.04 -12.01 -30.19
C LEU A 291 20.11 -11.35 -29.33
N GLN A 292 20.25 -10.03 -29.44
CA GLN A 292 21.23 -9.33 -28.64
C GLN A 292 20.91 -9.45 -27.15
N GLU A 293 19.65 -9.30 -26.78
CA GLU A 293 19.28 -9.45 -25.37
C GLU A 293 19.57 -10.88 -24.89
N LEU A 294 19.24 -11.87 -25.71
CA LEU A 294 19.46 -13.26 -25.33
C LEU A 294 20.94 -13.55 -25.09
N ARG A 295 21.80 -13.08 -25.98
CA ARG A 295 23.22 -13.36 -25.76
C ARG A 295 23.81 -12.51 -24.66
N LYS A 296 23.23 -11.34 -24.36
CA LYS A 296 23.61 -10.63 -23.15
C LYS A 296 23.34 -11.48 -21.91
N VAL A 297 22.14 -12.06 -21.84
CA VAL A 297 21.81 -12.90 -20.68
C VAL A 297 22.73 -14.11 -20.62
N ALA A 298 22.99 -14.75 -21.76
CA ALA A 298 23.87 -15.90 -21.77
C ALA A 298 25.28 -15.51 -21.32
N ARG A 299 25.77 -14.35 -21.77
CA ARG A 299 27.07 -13.87 -21.32
C ARG A 299 27.10 -13.69 -19.81
N ILE A 300 26.04 -13.12 -19.24
CA ILE A 300 25.99 -12.96 -17.78
C ILE A 300 26.07 -14.32 -17.11
N ASN A 301 25.26 -15.28 -17.59
CA ASN A 301 25.19 -16.59 -16.94
C ASN A 301 26.43 -17.44 -17.18
N GLY A 302 27.39 -16.99 -17.97
CA GLY A 302 28.52 -17.82 -18.31
C GLY A 302 28.15 -19.02 -19.16
N HIS A 303 27.18 -18.85 -20.06
CA HIS A 303 26.65 -19.95 -20.85
C HIS A 303 27.20 -19.86 -22.27
N LYS A 304 27.78 -20.96 -22.74
CA LYS A 304 28.50 -20.97 -24.02
C LYS A 304 27.58 -21.12 -25.23
N GLU A 305 26.34 -21.55 -25.05
CA GLU A 305 25.50 -21.97 -26.17
C GLU A 305 24.87 -20.82 -26.93
N ALA A 306 25.34 -19.58 -26.74
CA ALA A 306 24.98 -18.52 -27.67
C ALA A 306 25.50 -18.79 -29.08
N LYS A 307 26.47 -19.70 -29.21
CA LYS A 307 26.95 -20.10 -30.52
C LYS A 307 25.85 -20.78 -31.33
N ASN A 308 24.90 -21.43 -30.67
CA ASN A 308 23.82 -22.14 -31.34
C ASN A 308 22.61 -21.25 -31.60
N LEU A 309 22.62 -19.99 -31.16
CA LEU A 309 21.49 -19.08 -31.35
C LEU A 309 21.57 -18.46 -32.74
N THR A 310 21.43 -19.31 -33.75
CA THR A 310 21.23 -18.81 -35.11
C THR A 310 19.85 -18.18 -35.18
N ILE A 311 19.78 -16.96 -35.70
CA ILE A 311 18.61 -16.11 -35.51
C ILE A 311 17.32 -16.82 -35.86
N GLU A 312 17.37 -17.79 -36.78
CA GLU A 312 16.15 -18.46 -37.21
C GLU A 312 15.47 -19.20 -36.05
N VAL A 313 16.24 -19.66 -35.06
CA VAL A 313 15.65 -20.42 -33.97
C VAL A 313 14.68 -19.55 -33.18
N LEU A 314 14.90 -18.24 -33.14
CA LEU A 314 13.93 -17.33 -32.55
C LEU A 314 12.67 -17.25 -33.40
N MET A 315 12.84 -17.04 -34.71
CA MET A 315 11.72 -16.81 -35.60
C MET A 315 10.87 -18.06 -35.81
N SER A 316 11.33 -19.22 -35.36
CA SER A 316 10.59 -20.47 -35.50
C SER A 316 10.08 -21.01 -34.17
N SER A 317 10.27 -20.29 -33.07
CA SER A 317 9.74 -20.76 -31.79
C SER A 317 8.68 -19.84 -31.19
N VAL A 318 9.02 -18.56 -30.98
CA VAL A 318 8.09 -17.66 -30.31
C VAL A 318 7.08 -17.07 -31.30
N LYS A 319 7.39 -17.11 -32.59
CA LYS A 319 6.59 -16.40 -33.58
C LYS A 319 5.11 -16.72 -33.46
N GLU A 320 4.78 -18.00 -33.27
CA GLU A 320 3.39 -18.45 -33.39
C GLU A 320 2.53 -18.08 -32.18
N GLU A 321 3.09 -17.47 -31.14
CA GLU A 321 2.24 -16.95 -30.06
C GLU A 321 1.32 -15.84 -30.58
N VAL A 322 1.70 -15.20 -31.70
CA VAL A 322 0.88 -14.16 -32.30
C VAL A 322 -0.48 -14.69 -32.72
N ALA A 323 -0.63 -16.02 -32.80
CA ALA A 323 -1.95 -16.58 -33.12
C ALA A 323 -3.00 -16.15 -32.11
N SER A 324 -2.58 -15.84 -30.88
CA SER A 324 -3.53 -15.40 -29.85
C SER A 324 -4.14 -14.05 -30.17
N ALA A 325 -3.53 -13.28 -31.08
CA ALA A 325 -4.03 -11.94 -31.39
C ALA A 325 -5.34 -11.97 -32.18
N LYS A 326 -5.77 -13.14 -32.65
CA LYS A 326 -6.93 -13.21 -33.53
C LYS A 326 -8.25 -12.97 -32.81
N GLU A 327 -8.28 -12.99 -31.48
CA GLU A 327 -9.53 -12.87 -30.71
C GLU A 327 -9.32 -12.00 -29.48
N PRO A 328 -9.36 -10.68 -29.62
CA PRO A 328 -9.39 -9.81 -28.44
C PRO A 328 -10.72 -9.94 -27.71
N ARG A 329 -10.67 -9.77 -26.39
CA ARG A 329 -11.84 -9.93 -25.55
C ARG A 329 -11.82 -8.90 -24.43
N SER A 330 -12.95 -8.76 -23.75
CA SER A 330 -13.18 -7.67 -22.82
C SER A 330 -13.77 -8.21 -21.52
N VAL A 331 -13.82 -7.34 -20.52
CA VAL A 331 -14.36 -7.69 -19.22
C VAL A 331 -15.81 -8.15 -19.34
N LEU A 332 -16.58 -7.49 -20.22
CA LEU A 332 -17.99 -7.84 -20.37
C LEU A 332 -18.19 -9.29 -20.77
N ASP A 333 -17.17 -9.92 -21.34
CA ASP A 333 -17.30 -11.31 -21.75
C ASP A 333 -17.40 -12.24 -20.55
N LEU A 334 -16.81 -11.85 -19.41
CA LEU A 334 -16.83 -12.72 -18.24
C LEU A 334 -18.25 -13.07 -17.81
N PHE A 335 -19.18 -12.14 -17.96
CA PHE A 335 -20.54 -12.34 -17.50
C PHE A 335 -21.47 -12.88 -18.59
N CYS A 336 -20.94 -13.18 -19.78
CA CYS A 336 -21.74 -13.74 -20.86
C CYS A 336 -21.78 -15.27 -20.84
N VAL A 337 -21.04 -15.92 -19.95
CA VAL A 337 -21.08 -17.35 -19.77
C VAL A 337 -21.77 -17.62 -18.44
N PRO A 338 -23.01 -18.15 -18.44
CA PRO A 338 -23.73 -18.29 -17.16
C PRO A 338 -23.00 -19.12 -16.13
N GLY A 339 -22.19 -20.09 -16.54
CA GLY A 339 -21.41 -20.86 -15.60
C GLY A 339 -20.33 -20.07 -14.90
N LEU A 340 -19.91 -18.95 -15.49
CA LEU A 340 -18.87 -18.09 -14.92
C LEU A 340 -19.43 -16.84 -14.26
N ARG A 341 -20.72 -16.55 -14.46
CA ARG A 341 -21.27 -15.27 -14.02
C ARG A 341 -21.14 -15.07 -12.52
N PHE A 342 -21.56 -16.07 -11.74
CA PHE A 342 -21.55 -15.97 -10.29
C PHE A 342 -20.14 -16.12 -9.73
N ARG A 343 -19.36 -17.02 -10.33
CA ARG A 343 -17.95 -17.19 -9.98
C ARG A 343 -17.21 -15.85 -10.07
N THR A 344 -17.45 -15.11 -11.15
CA THR A 344 -16.78 -13.84 -11.35
C THR A 344 -17.11 -12.86 -10.24
N CYS A 345 -18.39 -12.77 -9.88
CA CYS A 345 -18.81 -11.84 -8.84
C CYS A 345 -18.11 -12.16 -7.52
N ILE A 346 -18.19 -13.42 -7.08
CA ILE A 346 -17.67 -13.70 -5.75
C ILE A 346 -16.15 -13.83 -5.73
N SER A 347 -15.48 -13.82 -6.89
CA SER A 347 -14.02 -13.64 -6.90
C SER A 347 -13.63 -12.16 -6.83
N THR A 348 -14.24 -11.35 -7.68
CA THR A 348 -13.99 -9.91 -7.64
C THR A 348 -14.27 -9.36 -6.25
N LEU A 349 -15.26 -9.92 -5.56
CA LEU A 349 -15.57 -9.48 -4.21
C LEU A 349 -14.39 -9.70 -3.27
N CYS A 350 -13.72 -10.86 -3.40
CA CYS A 350 -12.57 -11.11 -2.54
C CYS A 350 -11.42 -10.15 -2.85
N TRP A 351 -11.20 -9.85 -4.13
CA TRP A 351 -10.17 -8.86 -4.45
C TRP A 351 -10.50 -7.52 -3.80
N PHE A 352 -11.75 -7.09 -3.94
CA PHE A 352 -12.19 -5.82 -3.37
C PHE A 352 -11.98 -5.81 -1.86
N ALA A 353 -12.39 -6.89 -1.19
CA ALA A 353 -12.28 -6.94 0.26
C ALA A 353 -10.82 -6.86 0.68
N PHE A 354 -9.93 -7.56 -0.01
CA PHE A 354 -8.52 -7.47 0.35
C PHE A 354 -8.04 -6.02 0.30
N GLY A 355 -8.19 -5.37 -0.86
CA GLY A 355 -7.67 -4.02 -0.98
C GLY A 355 -8.31 -3.07 0.01
N PHE A 356 -9.64 -3.15 0.13
CA PHE A 356 -10.38 -2.26 1.01
C PHE A 356 -9.90 -2.37 2.44
N THR A 357 -9.83 -3.60 2.98
CA THR A 357 -9.43 -3.77 4.37
C THR A 357 -7.98 -3.38 4.59
N PHE A 358 -7.08 -3.80 3.69
CA PHE A 358 -5.67 -3.54 3.94
C PHE A 358 -5.40 -2.05 3.99
N PHE A 359 -5.90 -1.29 3.02
CA PHE A 359 -5.58 0.13 3.03
C PHE A 359 -6.54 0.96 3.87
N GLY A 360 -7.62 0.36 4.38
CA GLY A 360 -8.34 0.96 5.49
C GLY A 360 -7.54 0.94 6.77
N LEU A 361 -6.98 -0.22 7.11
CA LEU A 361 -6.34 -0.39 8.42
C LEU A 361 -4.88 0.08 8.42
N ALA A 362 -4.09 -0.33 7.43
CA ALA A 362 -2.65 -0.14 7.51
C ALA A 362 -2.22 1.31 7.43
N LEU A 363 -3.13 2.22 7.06
CA LEU A 363 -2.77 3.62 6.87
C LEU A 363 -3.18 4.50 8.05
N ASP A 364 -3.74 3.92 9.10
CA ASP A 364 -4.02 4.66 10.33
C ASP A 364 -3.61 3.82 11.54
N LEU A 365 -2.40 3.28 11.49
CA LEU A 365 -1.92 2.47 12.61
C LEU A 365 -2.00 3.24 13.92
N GLN A 366 -1.98 4.57 13.86
CA GLN A 366 -2.06 5.38 15.06
C GLN A 366 -3.32 5.08 15.87
N ALA A 367 -4.37 4.57 15.22
CA ALA A 367 -5.59 4.19 15.90
C ALA A 367 -5.57 2.76 16.42
N LEU A 368 -4.63 1.93 15.97
CA LEU A 368 -4.61 0.52 16.32
C LEU A 368 -3.69 0.20 17.49
N GLY A 369 -2.71 1.04 17.79
CA GLY A 369 -1.77 0.75 18.86
C GLY A 369 -1.06 2.00 19.31
N SER A 370 -0.44 1.89 20.49
CA SER A 370 0.19 3.05 21.11
C SER A 370 1.43 3.50 20.34
N ASN A 371 2.31 2.57 20.02
CA ASN A 371 3.57 2.85 19.36
C ASN A 371 3.45 2.43 17.90
N ILE A 372 3.58 3.38 16.98
CA ILE A 372 3.37 3.08 15.57
C ILE A 372 4.65 2.58 14.89
N PHE A 373 5.82 2.91 15.42
CA PHE A 373 7.05 2.37 14.83
C PHE A 373 7.12 0.86 15.04
N LEU A 374 6.91 0.41 16.27
CA LEU A 374 6.91 -1.02 16.56
C LEU A 374 5.76 -1.72 15.88
N LEU A 375 4.61 -1.05 15.78
CA LEU A 375 3.45 -1.66 15.14
C LEU A 375 3.67 -1.84 13.64
N GLN A 376 4.28 -0.85 12.99
CA GLN A 376 4.65 -1.00 11.59
C GLN A 376 5.67 -2.12 11.42
N MET A 377 6.69 -2.14 12.28
CA MET A 377 7.67 -3.22 12.22
C MET A 377 6.98 -4.57 12.31
N PHE A 378 5.98 -4.69 13.19
CA PHE A 378 5.34 -5.98 13.41
C PHE A 378 4.39 -6.35 12.27
N ILE A 379 3.64 -5.40 11.70
CA ILE A 379 2.86 -5.76 10.52
C ILE A 379 3.77 -6.09 9.34
N GLY A 380 5.05 -5.75 9.44
CA GLY A 380 6.02 -6.27 8.50
C GLY A 380 6.51 -7.67 8.85
N VAL A 381 6.83 -7.89 10.12
CA VAL A 381 7.42 -9.15 10.55
C VAL A 381 6.43 -10.29 10.46
N VAL A 382 5.19 -10.06 10.89
CA VAL A 382 4.17 -11.11 10.89
C VAL A 382 3.74 -11.44 9.47
N ASP A 383 3.84 -10.48 8.55
CA ASP A 383 3.37 -10.71 7.18
C ASP A 383 4.12 -11.84 6.50
N ILE A 384 5.39 -12.03 6.85
CA ILE A 384 6.25 -13.01 6.18
C ILE A 384 5.73 -14.42 6.48
N PRO A 385 5.72 -14.85 7.74
CA PRO A 385 5.20 -16.20 8.04
C PRO A 385 3.75 -16.37 7.64
N ALA A 386 2.95 -15.29 7.67
CA ALA A 386 1.57 -15.41 7.24
C ALA A 386 1.48 -15.79 5.76
N LYS A 387 2.23 -15.09 4.91
CA LYS A 387 2.20 -15.38 3.48
C LYS A 387 2.73 -16.79 3.21
N MET A 388 3.86 -17.14 3.82
CA MET A 388 4.44 -18.44 3.50
C MET A 388 3.62 -19.59 4.08
N GLY A 389 2.98 -19.40 5.24
CA GLY A 389 2.06 -20.41 5.73
C GLY A 389 0.82 -20.53 4.88
N ALA A 390 0.36 -19.41 4.30
CA ALA A 390 -0.72 -19.49 3.33
C ALA A 390 -0.31 -20.35 2.16
N LEU A 391 0.91 -20.16 1.67
CA LEU A 391 1.40 -20.98 0.56
C LEU A 391 1.45 -22.45 0.96
N LEU A 392 1.96 -22.74 2.16
CA LEU A 392 2.02 -24.11 2.65
C LEU A 392 0.64 -24.74 2.71
N LEU A 393 -0.31 -24.04 3.33
CA LEU A 393 -1.63 -24.60 3.52
C LEU A 393 -2.32 -24.83 2.18
N LEU A 394 -2.27 -23.86 1.28
CA LEU A 394 -2.92 -24.06 -0.01
C LEU A 394 -2.18 -25.10 -0.84
N SER A 395 -0.92 -25.40 -0.51
CA SER A 395 -0.24 -26.52 -1.13
C SER A 395 -0.62 -27.86 -0.50
N HIS A 396 -1.20 -27.85 0.70
CA HIS A 396 -1.64 -29.08 1.34
C HIS A 396 -3.16 -29.20 1.41
N LEU A 397 -3.86 -28.19 1.93
CA LEU A 397 -5.31 -28.30 2.15
C LEU A 397 -6.14 -27.80 0.97
N GLY A 398 -5.57 -27.06 0.05
CA GLY A 398 -6.31 -26.54 -1.09
C GLY A 398 -6.58 -25.05 -0.99
N ARG A 399 -7.18 -24.53 -2.07
CA ARG A 399 -7.38 -23.09 -2.18
C ARG A 399 -8.60 -22.61 -1.41
N ARG A 400 -9.73 -23.30 -1.57
CA ARG A 400 -10.98 -22.83 -0.96
C ARG A 400 -10.88 -22.71 0.54
N PRO A 401 -10.50 -23.75 1.29
CA PRO A 401 -10.43 -23.61 2.75
C PRO A 401 -9.40 -22.59 3.19
N THR A 402 -8.29 -22.44 2.47
CA THR A 402 -7.29 -21.48 2.90
C THR A 402 -7.79 -20.04 2.74
N LEU A 403 -8.38 -19.73 1.59
CA LEU A 403 -8.91 -18.39 1.38
C LEU A 403 -10.01 -18.09 2.39
N ALA A 404 -10.93 -19.03 2.58
CA ALA A 404 -12.02 -18.82 3.52
C ALA A 404 -11.49 -18.58 4.93
N ALA A 405 -10.57 -19.44 5.39
CA ALA A 405 -10.06 -19.33 6.75
C ALA A 405 -9.30 -18.01 6.94
N SER A 406 -8.45 -17.64 5.98
CA SER A 406 -7.70 -16.40 6.13
C SER A 406 -8.62 -15.20 6.21
N LEU A 407 -9.58 -15.09 5.29
CA LEU A 407 -10.47 -13.93 5.30
C LEU A 407 -11.30 -13.88 6.57
N LEU A 408 -11.86 -15.03 6.99
CA LEU A 408 -12.71 -15.06 8.16
C LEU A 408 -11.92 -14.69 9.41
N LEU A 409 -10.72 -15.26 9.57
CA LEU A 409 -9.92 -14.95 10.76
C LEU A 409 -9.50 -13.49 10.77
N ALA A 410 -9.14 -12.93 9.62
CA ALA A 410 -8.79 -11.51 9.58
C ALA A 410 -9.97 -10.66 10.03
N GLY A 411 -11.14 -10.90 9.45
CA GLY A 411 -12.31 -10.11 9.82
C GLY A 411 -12.66 -10.25 11.29
N LEU A 412 -12.62 -11.48 11.81
CA LEU A 412 -12.99 -11.71 13.20
C LEU A 412 -11.96 -11.13 14.16
N CYS A 413 -10.68 -11.10 13.77
CA CYS A 413 -9.68 -10.42 14.59
C CYS A 413 -9.94 -8.92 14.62
N ILE A 414 -10.29 -8.32 13.48
CA ILE A 414 -10.53 -6.88 13.46
C ILE A 414 -11.78 -6.54 14.25
N LEU A 415 -12.82 -7.37 14.19
CA LEU A 415 -14.01 -7.13 15.00
C LEU A 415 -13.69 -7.24 16.49
N ALA A 416 -12.87 -8.23 16.87
CA ALA A 416 -12.49 -8.36 18.26
C ALA A 416 -11.75 -7.12 18.76
N ASN A 417 -10.95 -6.51 17.89
CA ASN A 417 -10.18 -5.33 18.29
C ASN A 417 -11.09 -4.22 18.81
N THR A 418 -12.33 -4.15 18.32
CA THR A 418 -13.29 -3.19 18.83
C THR A 418 -13.88 -3.62 20.16
N LEU A 419 -14.01 -4.93 20.36
CA LEU A 419 -14.64 -5.47 21.56
C LEU A 419 -13.70 -5.47 22.76
N VAL A 420 -12.40 -5.68 22.53
CA VAL A 420 -11.46 -5.68 23.65
C VAL A 420 -11.46 -4.29 24.30
N PRO A 421 -11.44 -4.19 25.63
CA PRO A 421 -11.51 -2.86 26.26
C PRO A 421 -10.31 -2.01 25.88
N HIS A 422 -10.55 -0.69 25.84
CA HIS A 422 -9.54 0.22 25.30
C HIS A 422 -8.25 0.22 26.10
N GLU A 423 -8.30 -0.08 27.40
CA GLU A 423 -7.09 -0.03 28.22
C GLU A 423 -6.09 -1.13 27.88
N MET A 424 -6.56 -2.25 27.33
CA MET A 424 -5.68 -3.35 26.97
C MET A 424 -5.04 -3.13 25.61
N GLY A 425 -4.27 -2.04 25.49
CA GLY A 425 -3.69 -1.67 24.20
C GLY A 425 -2.77 -2.72 23.61
N ALA A 426 -2.10 -3.51 24.44
CA ALA A 426 -1.22 -4.55 23.91
C ALA A 426 -2.02 -5.60 23.15
N LEU A 427 -3.13 -6.07 23.73
CA LEU A 427 -3.94 -7.07 23.06
C LEU A 427 -4.58 -6.50 21.80
N ARG A 428 -4.99 -5.23 21.83
CA ARG A 428 -5.52 -4.60 20.63
C ARG A 428 -4.48 -4.52 19.53
N SER A 429 -3.23 -4.20 19.89
CA SER A 429 -2.15 -4.20 18.90
C SER A 429 -1.94 -5.59 18.31
N ALA A 430 -1.90 -6.61 19.18
CA ALA A 430 -1.70 -7.98 18.70
C ALA A 430 -2.80 -8.39 17.74
N LEU A 431 -4.06 -8.09 18.10
CA LEU A 431 -5.18 -8.48 17.25
C LEU A 431 -5.18 -7.71 15.93
N ALA A 432 -4.81 -6.43 15.94
CA ALA A 432 -4.71 -5.69 14.69
C ALA A 432 -3.64 -6.29 13.78
N VAL A 433 -2.49 -6.64 14.35
CA VAL A 433 -1.43 -7.26 13.56
C VAL A 433 -1.92 -8.57 12.96
N LEU A 434 -2.59 -9.38 13.76
CA LEU A 434 -3.11 -10.65 13.26
C LEU A 434 -4.12 -10.45 12.15
N GLY A 435 -4.99 -9.46 12.27
CA GLY A 435 -5.93 -9.17 11.20
C GLY A 435 -5.25 -8.82 9.89
N LEU A 436 -4.28 -7.92 9.95
CA LEU A 436 -3.57 -7.55 8.73
C LEU A 436 -2.79 -8.74 8.15
N GLY A 437 -2.26 -9.59 9.02
CA GLY A 437 -1.61 -10.80 8.53
C GLY A 437 -2.56 -11.72 7.80
N GLY A 438 -3.76 -11.89 8.34
CA GLY A 438 -4.77 -12.67 7.64
C GLY A 438 -5.13 -12.06 6.31
N VAL A 439 -5.17 -10.73 6.23
CA VAL A 439 -5.45 -10.07 4.95
C VAL A 439 -4.35 -10.37 3.94
N GLY A 440 -3.10 -10.33 4.37
CA GLY A 440 -2.01 -10.62 3.44
C GLY A 440 -2.01 -12.07 2.98
N ALA A 441 -2.29 -13.00 3.89
CA ALA A 441 -2.43 -14.39 3.49
C ALA A 441 -3.56 -14.55 2.48
N ALA A 442 -4.68 -13.83 2.69
CA ALA A 442 -5.77 -13.86 1.72
C ALA A 442 -5.33 -13.27 0.39
N PHE A 443 -4.45 -12.28 0.40
CA PHE A 443 -3.93 -11.78 -0.87
C PHE A 443 -3.21 -12.88 -1.63
N THR A 444 -2.32 -13.60 -0.94
CA THR A 444 -1.64 -14.73 -1.57
C THR A 444 -2.64 -15.73 -2.12
N CYS A 445 -3.60 -16.12 -1.28
CA CYS A 445 -4.56 -17.14 -1.66
C CYS A 445 -5.36 -16.73 -2.87
N ILE A 446 -5.88 -15.50 -2.88
CA ILE A 446 -6.72 -15.08 -4.00
C ILE A 446 -5.88 -14.90 -5.26
N THR A 447 -4.64 -14.44 -5.14
CA THR A 447 -3.80 -14.32 -6.32
C THR A 447 -3.62 -15.67 -6.99
N ILE A 448 -3.32 -16.71 -6.21
CA ILE A 448 -3.14 -18.03 -6.81
C ILE A 448 -4.47 -18.60 -7.28
N TYR A 449 -5.52 -18.43 -6.47
CA TYR A 449 -6.82 -19.04 -6.76
C TYR A 449 -7.43 -18.48 -8.04
N SER A 450 -7.38 -17.15 -8.21
CA SER A 450 -8.00 -16.54 -9.38
C SER A 450 -7.30 -16.95 -10.66
N SER A 451 -6.02 -17.27 -10.60
CA SER A 451 -5.29 -17.77 -11.76
C SER A 451 -5.68 -19.20 -12.12
N GLU A 452 -6.65 -19.79 -11.42
CA GLU A 452 -7.08 -21.16 -11.66
C GLU A 452 -8.59 -21.31 -11.80
N LEU A 453 -9.38 -20.33 -11.41
CA LEU A 453 -10.84 -20.47 -11.44
C LEU A 453 -11.41 -20.43 -12.86
N PHE A 454 -10.68 -19.85 -13.81
CA PHE A 454 -11.28 -19.51 -15.08
C PHE A 454 -10.59 -20.22 -16.23
N PRO A 455 -11.29 -20.42 -17.35
CA PRO A 455 -10.68 -21.10 -18.49
C PRO A 455 -9.54 -20.29 -19.08
N THR A 456 -8.65 -20.99 -19.78
CA THR A 456 -7.45 -20.35 -20.32
C THR A 456 -7.79 -19.11 -21.15
N VAL A 457 -8.94 -19.12 -21.83
CA VAL A 457 -9.31 -17.98 -22.67
C VAL A 457 -9.45 -16.72 -21.83
N LEU A 458 -9.88 -16.85 -20.58
CA LEU A 458 -10.32 -15.73 -19.77
C LEU A 458 -9.52 -15.51 -18.49
N ARG A 459 -8.48 -16.30 -18.22
CA ARG A 459 -7.77 -16.18 -16.96
C ARG A 459 -7.28 -14.75 -16.72
N MET A 460 -6.62 -14.17 -17.71
CA MET A 460 -6.04 -12.84 -17.53
C MET A 460 -7.08 -11.73 -17.48
N THR A 461 -8.19 -11.86 -18.20
CA THR A 461 -9.26 -10.87 -18.07
C THR A 461 -9.88 -10.92 -16.68
N ALA A 462 -10.10 -12.12 -16.16
CA ALA A 462 -10.64 -12.26 -14.80
C ALA A 462 -9.69 -11.66 -13.78
N VAL A 463 -8.39 -11.97 -13.90
CA VAL A 463 -7.42 -11.42 -12.97
C VAL A 463 -7.34 -9.90 -13.09
N GLY A 464 -7.50 -9.36 -14.30
CA GLY A 464 -7.50 -7.92 -14.45
C GLY A 464 -8.69 -7.27 -13.76
N LEU A 465 -9.88 -7.88 -13.92
CA LEU A 465 -11.05 -7.37 -13.21
C LEU A 465 -10.82 -7.42 -11.70
N GLY A 466 -10.22 -8.50 -11.21
CA GLY A 466 -9.89 -8.62 -9.81
C GLY A 466 -8.94 -7.53 -9.33
N GLN A 467 -7.84 -7.32 -10.05
CA GLN A 467 -6.87 -6.31 -9.65
C GLN A 467 -7.48 -4.92 -9.65
N MET A 468 -8.29 -4.61 -10.66
CA MET A 468 -8.94 -3.31 -10.70
C MET A 468 -9.93 -3.16 -9.56
N ALA A 469 -10.61 -4.24 -9.19
CA ALA A 469 -11.49 -4.20 -8.02
C ALA A 469 -10.70 -3.95 -6.75
N ALA A 470 -9.52 -4.55 -6.63
CA ALA A 470 -8.68 -4.33 -5.45
C ALA A 470 -8.27 -2.87 -5.36
N ARG A 471 -7.87 -2.27 -6.48
CA ARG A 471 -7.48 -0.86 -6.47
C ARG A 471 -8.66 0.04 -6.15
N GLY A 472 -9.82 -0.24 -6.73
CA GLY A 472 -11.01 0.56 -6.42
C GLY A 472 -11.40 0.47 -4.96
N GLY A 473 -11.28 -0.71 -4.36
CA GLY A 473 -11.55 -0.83 -2.94
C GLY A 473 -10.51 -0.12 -2.09
N ALA A 474 -9.24 -0.16 -2.53
CA ALA A 474 -8.22 0.59 -1.82
C ALA A 474 -8.54 2.07 -1.80
N ILE A 475 -9.12 2.59 -2.89
CA ILE A 475 -9.54 3.99 -2.89
C ILE A 475 -10.56 4.24 -1.79
N LEU A 476 -11.57 3.37 -1.67
CA LEU A 476 -12.61 3.55 -0.66
C LEU A 476 -12.09 3.34 0.76
N GLY A 477 -10.99 2.62 0.91
CA GLY A 477 -10.46 2.31 2.23
C GLY A 477 -10.39 3.52 3.14
N PRO A 478 -9.56 4.50 2.79
CA PRO A 478 -9.41 5.67 3.68
C PRO A 478 -10.69 6.43 3.97
N LEU A 479 -11.58 6.56 2.99
CA LEU A 479 -12.77 7.39 3.17
C LEU A 479 -13.70 6.86 4.24
N VAL A 480 -13.62 5.57 4.57
CA VAL A 480 -14.46 5.00 5.61
C VAL A 480 -14.18 5.62 6.97
N ARG A 481 -12.98 6.18 7.16
CA ARG A 481 -12.65 6.78 8.45
C ARG A 481 -13.46 8.03 8.74
N LEU A 482 -14.05 8.65 7.71
CA LEU A 482 -14.91 9.80 7.94
C LEU A 482 -16.12 9.43 8.79
N LEU A 483 -16.43 8.13 8.89
CA LEU A 483 -17.44 7.66 9.83
C LEU A 483 -16.98 7.75 11.27
N GLY A 484 -15.68 7.93 11.51
CA GLY A 484 -15.16 7.93 12.87
C GLY A 484 -15.71 9.05 13.73
N VAL A 485 -16.17 10.13 13.13
CA VAL A 485 -16.75 11.23 13.91
C VAL A 485 -17.96 10.74 14.70
N HIS A 486 -18.67 9.74 14.18
CA HIS A 486 -19.83 9.22 14.88
C HIS A 486 -19.45 8.26 16.00
N GLY A 487 -18.28 7.63 15.90
CA GLY A 487 -17.81 6.73 16.92
C GLY A 487 -16.53 6.05 16.49
N PRO A 488 -15.57 5.91 17.41
CA PRO A 488 -14.27 5.35 17.02
C PRO A 488 -14.35 3.91 16.58
N TRP A 489 -15.41 3.20 16.96
CA TRP A 489 -15.57 1.78 16.65
C TRP A 489 -16.12 1.52 15.26
N LEU A 490 -16.70 2.53 14.60
CA LEU A 490 -17.49 2.29 13.40
C LEU A 490 -16.64 1.99 12.18
N PRO A 491 -15.57 2.75 11.92
CA PRO A 491 -14.68 2.38 10.82
C PRO A 491 -14.08 1.00 10.98
N LEU A 492 -13.68 0.64 12.21
CA LEU A 492 -13.14 -0.69 12.46
C LEU A 492 -14.21 -1.75 12.26
N LEU A 493 -15.45 -1.45 12.65
CA LEU A 493 -16.54 -2.39 12.43
C LEU A 493 -16.74 -2.65 10.94
N VAL A 494 -16.68 -1.60 10.12
CA VAL A 494 -16.82 -1.77 8.68
C VAL A 494 -15.66 -2.58 8.11
N TYR A 495 -14.44 -2.22 8.50
CA TYR A 495 -13.26 -2.92 8.02
C TYR A 495 -13.27 -4.38 8.42
N GLY A 496 -13.84 -4.72 9.57
CA GLY A 496 -13.94 -6.09 10.00
C GLY A 496 -15.08 -6.83 9.34
N THR A 497 -16.16 -6.10 9.05
CA THR A 497 -17.33 -6.74 8.43
C THR A 497 -17.03 -7.18 7.01
N VAL A 498 -16.43 -6.29 6.21
CA VAL A 498 -16.24 -6.60 4.78
C VAL A 498 -15.50 -7.92 4.61
N PRO A 499 -14.34 -8.16 5.24
CA PRO A 499 -13.66 -9.44 5.04
C PRO A 499 -14.45 -10.63 5.52
N VAL A 500 -15.25 -10.50 6.58
CA VAL A 500 -16.07 -11.61 7.03
C VAL A 500 -17.07 -12.01 5.95
N LEU A 501 -17.75 -11.02 5.39
CA LEU A 501 -18.75 -11.29 4.36
C LEU A 501 -18.10 -11.87 3.11
N SER A 502 -16.91 -11.40 2.75
CA SER A 502 -16.25 -11.95 1.56
C SER A 502 -15.68 -13.34 1.82
N GLY A 503 -15.26 -13.63 3.05
CA GLY A 503 -14.76 -14.96 3.36
C GLY A 503 -15.85 -15.99 3.49
N LEU A 504 -17.03 -15.59 3.96
CA LEU A 504 -18.19 -16.48 3.90
C LEU A 504 -18.54 -16.80 2.45
N ALA A 505 -18.51 -15.79 1.59
CA ALA A 505 -18.80 -16.00 0.17
C ALA A 505 -17.79 -16.95 -0.46
N ALA A 506 -16.53 -16.89 -0.02
CA ALA A 506 -15.50 -17.75 -0.58
C ALA A 506 -15.74 -19.22 -0.29
N LEU A 507 -16.65 -19.56 0.63
CA LEU A 507 -17.01 -20.94 0.86
C LEU A 507 -17.74 -21.55 -0.33
N LEU A 508 -18.30 -20.73 -1.22
CA LEU A 508 -19.08 -21.21 -2.34
C LEU A 508 -18.25 -21.50 -3.58
N LEU A 509 -16.98 -21.12 -3.60
CA LEU A 509 -16.18 -21.29 -4.80
C LEU A 509 -15.84 -22.77 -5.04
N PRO A 510 -15.61 -23.15 -6.30
CA PRO A 510 -15.14 -24.51 -6.58
C PRO A 510 -13.64 -24.65 -6.40
N GLU A 511 -13.23 -25.89 -6.09
CA GLU A 511 -11.83 -26.17 -5.80
C GLU A 511 -11.01 -26.30 -7.09
N THR A 512 -9.71 -26.04 -6.96
CA THR A 512 -8.80 -26.12 -8.10
C THR A 512 -7.49 -26.84 -7.78
N GLN A 513 -7.26 -27.27 -6.55
CA GLN A 513 -6.07 -28.07 -6.25
C GLN A 513 -6.14 -29.42 -6.96
N SER A 514 -5.01 -29.84 -7.53
CA SER A 514 -4.96 -31.11 -8.22
C SER A 514 -5.25 -32.26 -7.26
N LEU A 515 -6.01 -33.24 -7.73
CA LEU A 515 -6.31 -34.42 -6.92
C LEU A 515 -5.27 -35.50 -7.18
C1 NAG B . 1.83 39.42 23.56
C2 NAG B . 0.86 40.26 22.75
C3 NAG B . 1.45 41.64 22.48
C4 NAG B . 1.86 42.31 23.79
C5 NAG B . 2.77 41.39 24.59
C6 NAG B . 3.08 41.92 25.97
C7 NAG B . -0.55 38.79 21.38
C8 NAG B . -0.76 38.20 20.03
N2 NAG B . 0.50 39.61 21.51
O3 NAG B . 0.49 42.45 21.80
O4 NAG B . 2.53 43.53 23.52
O5 NAG B . 2.15 40.11 24.78
O6 NAG B . 3.55 43.27 25.91
O7 NAG B . -1.29 38.54 22.34
C4 A1AIL C . 0.16 -6.26 -0.11
C5 A1AIL C . -0.73 -5.25 0.11
C6 A1AIL C . -0.96 -4.25 -0.82
C7 A1AIL C . -0.29 -4.24 -2.02
C8 A1AIL C . 0.64 -5.28 -2.32
C1 A1AIL C . -0.30 -8.64 0.91
C2 A1AIL C . -0.65 -7.63 1.96
C3 A1AIL C . 0.40 -7.31 0.94
C9 A1AIL C . 1.28 -5.40 -3.58
C10 A1AIL C . 2.10 -6.46 -3.87
C11 A1AIL C . 2.32 -7.45 -2.93
C12 A1AIL C . 1.73 -7.38 -1.70
C13 A1AIL C . 0.86 -6.31 -1.35
C15 A1AIL C . -1.78 -2.68 -3.54
C18 A1AIL C . 0.38 -2.45 -3.54
C21 A1AIL C . -4.37 -2.22 -4.23
C22 A1AIL C . -4.09 -0.74 -4.07
N14 A1AIL C . -0.64 -3.29 -3.03
N16 A1AIL C . -1.48 -1.62 -4.25
N17 A1AIL C . -0.12 -1.48 -4.25
O23 A1AIL C . -4.24 -0.02 -5.08
O24 A1AIL C . -3.73 -0.31 -2.95
S20 A1AIL C . -3.36 -3.33 -3.21
BR19 A1AIL C . 2.19 -2.49 -3.16
#